data_3ZLC
#
_entry.id   3ZLC
#
_cell.length_a   49.785
_cell.length_b   76.935
_cell.length_c   65.116
_cell.angle_alpha   90.00
_cell.angle_beta   104.77
_cell.angle_gamma   90.00
#
_symmetry.space_group_name_H-M   'P 1 21 1'
#
loop_
_entity.id
_entity.type
_entity.pdbx_description
1 polymer 'ER-DERIVED VESICLES PROTEIN ERV41'
2 water water
#
_entity_poly.entity_id   1
_entity_poly.type   'polypeptide(L)'
_entity_poly.pdbx_seq_one_letter_code
;GAMGYIDQQYVVDSQVRDTVQINMDIYVNTKCDWLQINVRDQTMDRKLVLEELQLEEMPFFIPYDTKVNDINEIITPELD
EILGEAIPAEFREKLDTRSFFDESDPNKAHLPEFNGCHVFGSIPVNRVSGELQITAKSLGYVASRKAPLEELKFNHVINE
FSFGDFYPYIDNPLDNTAQFNQDEPLTTYVYYTSVVPTLFKKLGAEVDTNQYSVNDYRYLYKDVAAKGDKMPGIFFKYNF
EPLSIVVSDVRL
;
_entity_poly.pdbx_strand_id   A,B
#
# COMPACT_ATOMS: atom_id res chain seq x y z
N ILE A 6 0.90 19.56 11.52
CA ILE A 6 1.75 18.74 10.66
C ILE A 6 1.50 19.00 9.16
N ASP A 7 2.58 19.31 8.46
CA ASP A 7 2.54 19.66 7.05
C ASP A 7 3.76 18.98 6.42
N GLN A 8 3.66 18.57 5.16
CA GLN A 8 4.83 17.99 4.50
CA GLN A 8 4.83 18.00 4.49
C GLN A 8 5.24 18.74 3.24
N GLN A 9 6.56 18.90 3.06
CA GLN A 9 7.11 19.72 1.99
C GLN A 9 8.15 18.95 1.19
N TYR A 10 8.23 19.22 -0.11
CA TYR A 10 9.26 18.58 -0.92
C TYR A 10 10.54 19.38 -0.79
N VAL A 11 11.66 18.69 -0.62
CA VAL A 11 12.94 19.40 -0.61
C VAL A 11 13.98 18.63 -1.40
N VAL A 12 15.09 19.32 -1.71
CA VAL A 12 16.21 18.68 -2.36
C VAL A 12 16.82 17.59 -1.50
N ASP A 13 16.90 16.38 -2.07
CA ASP A 13 17.60 15.28 -1.44
C ASP A 13 19.10 15.59 -1.39
N SER A 14 19.48 16.48 -0.47
CA SER A 14 20.88 16.64 -0.13
C SER A 14 21.14 15.58 0.92
N GLN A 15 22.41 15.24 1.10
CA GLN A 15 22.81 14.12 1.96
C GLN A 15 22.16 12.81 1.51
N VAL A 16 22.51 12.37 0.30
CA VAL A 16 22.02 11.08 -0.20
C VAL A 16 22.83 9.94 0.41
N ARG A 17 22.17 9.05 1.15
CA ARG A 17 22.86 7.91 1.74
C ARG A 17 23.34 6.98 0.65
N ASP A 18 24.48 6.34 0.86
CA ASP A 18 25.05 5.43 -0.15
C ASP A 18 24.33 4.09 -0.21
N THR A 19 23.83 3.65 0.94
CA THR A 19 23.18 2.34 1.04
C THR A 19 21.81 2.45 1.70
N VAL A 20 21.01 1.40 1.53
CA VAL A 20 19.70 1.28 2.18
C VAL A 20 19.42 -0.19 2.44
N GLN A 21 18.72 -0.50 3.54
CA GLN A 21 18.27 -1.87 3.79
C GLN A 21 16.95 -2.16 3.08
N ILE A 22 16.87 -3.28 2.37
CA ILE A 22 15.58 -3.75 1.88
C ILE A 22 15.08 -4.82 2.84
N ASN A 23 13.91 -4.59 3.41
CA ASN A 23 13.36 -5.52 4.40
C ASN A 23 12.25 -6.31 3.75
N MET A 24 12.29 -7.64 3.89
CA MET A 24 11.31 -8.45 3.22
CA MET A 24 11.37 -8.50 3.17
C MET A 24 10.85 -9.63 4.05
N ASP A 25 9.58 -9.96 3.91
CA ASP A 25 9.01 -11.12 4.58
C ASP A 25 7.95 -11.57 3.61
N ILE A 26 8.22 -12.69 2.93
CA ILE A 26 7.37 -13.15 1.82
CA ILE A 26 7.27 -13.15 1.93
C ILE A 26 7.14 -14.67 1.94
N TYR A 27 5.97 -15.16 1.51
CA TYR A 27 5.75 -16.59 1.40
C TYR A 27 5.73 -16.85 -0.10
N VAL A 28 6.47 -17.86 -0.55
CA VAL A 28 6.45 -18.26 -1.96
C VAL A 28 5.92 -19.68 -2.03
N ASN A 29 5.04 -19.96 -3.02
CA ASN A 29 4.39 -21.28 -3.17
C ASN A 29 5.32 -22.31 -3.81
N THR A 30 6.61 -22.25 -3.44
CA THR A 30 7.63 -23.21 -3.91
C THR A 30 8.55 -23.55 -2.74
N LYS A 31 9.01 -24.81 -2.67
CA LYS A 31 9.97 -25.23 -1.63
C LYS A 31 11.24 -24.41 -1.73
N CYS A 32 11.86 -24.11 -0.59
CA CYS A 32 12.99 -23.18 -0.54
C CYS A 32 14.17 -23.58 -1.45
N ASP A 33 14.49 -24.87 -1.47
CA ASP A 33 15.71 -25.34 -2.13
C ASP A 33 15.66 -25.24 -3.67
N TRP A 34 14.48 -24.98 -4.21
CA TRP A 34 14.36 -24.73 -5.66
C TRP A 34 14.68 -23.27 -5.98
N LEU A 35 14.72 -22.43 -4.95
CA LEU A 35 14.75 -20.98 -5.15
C LEU A 35 16.14 -20.39 -5.10
N GLN A 36 16.36 -19.33 -5.88
CA GLN A 36 17.54 -18.50 -5.72
C GLN A 36 17.12 -17.03 -5.66
N ILE A 37 17.84 -16.24 -4.87
CA ILE A 37 17.49 -14.82 -4.71
C ILE A 37 18.73 -14.01 -5.07
N ASN A 38 18.58 -13.13 -6.07
CA ASN A 38 19.70 -12.31 -6.54
CA ASN A 38 19.71 -12.30 -6.54
C ASN A 38 19.41 -10.81 -6.40
N VAL A 39 20.47 -10.03 -6.23
CA VAL A 39 20.37 -8.57 -6.27
C VAL A 39 21.29 -8.11 -7.40
N ARG A 40 20.83 -7.16 -8.19
CA ARG A 40 21.78 -6.51 -9.08
C ARG A 40 21.45 -5.04 -9.18
N ASP A 41 22.45 -4.23 -9.53
CA ASP A 41 22.20 -2.80 -9.69
C ASP A 41 23.05 -2.20 -10.78
N GLN A 42 22.94 -0.89 -10.97
CA GLN A 42 23.72 -0.19 -11.99
C GLN A 42 25.20 -0.49 -11.86
N THR A 43 25.68 -0.55 -10.62
CA THR A 43 27.11 -0.69 -10.36
C THR A 43 27.61 -2.12 -10.50
N MET A 44 26.77 -3.09 -10.17
CA MET A 44 27.24 -4.47 -10.12
C MET A 44 26.43 -5.52 -10.90
N ASP A 45 27.12 -6.60 -11.25
CA ASP A 45 26.51 -7.79 -11.81
C ASP A 45 25.73 -8.50 -10.71
N ARG A 46 24.92 -9.48 -11.09
CA ARG A 46 24.14 -10.26 -10.12
C ARG A 46 24.96 -10.77 -8.95
N LYS A 47 24.50 -10.43 -7.74
CA LYS A 47 25.05 -10.96 -6.51
C LYS A 47 24.02 -11.87 -5.84
N LEU A 48 24.41 -13.13 -5.63
CA LEU A 48 23.55 -14.08 -4.92
C LEU A 48 23.33 -13.66 -3.47
N VAL A 49 22.07 -13.54 -3.07
CA VAL A 49 21.76 -13.26 -1.68
C VAL A 49 21.62 -14.61 -0.98
N LEU A 50 22.59 -14.92 -0.13
CA LEU A 50 22.57 -16.19 0.56
C LEU A 50 22.43 -15.93 2.05
N GLU A 51 23.43 -15.27 2.61
CA GLU A 51 23.54 -15.12 4.06
C GLU A 51 22.61 -14.06 4.66
N GLU A 52 22.07 -13.14 3.85
CA GLU A 52 21.29 -12.03 4.41
C GLU A 52 19.82 -12.39 4.64
N LEU A 53 19.39 -13.53 4.12
CA LEU A 53 17.99 -13.93 4.26
C LEU A 53 17.86 -15.31 4.88
N GLN A 54 16.75 -15.51 5.58
CA GLN A 54 16.40 -16.84 6.06
CA GLN A 54 16.43 -16.85 6.03
C GLN A 54 15.40 -17.44 5.07
N LEU A 55 15.60 -18.69 4.70
CA LEU A 55 14.66 -19.41 3.85
C LEU A 55 14.18 -20.60 4.66
N GLU A 56 12.89 -20.62 5.00
CA GLU A 56 12.37 -21.68 5.84
C GLU A 56 11.18 -22.35 5.18
N GLU A 57 11.17 -23.68 5.23
CA GLU A 57 10.08 -24.46 4.64
C GLU A 57 8.78 -24.14 5.38
N MET A 58 7.67 -24.11 4.64
CA MET A 58 6.37 -23.88 5.26
C MET A 58 5.28 -24.51 4.42
N PRO A 59 4.10 -24.76 5.01
CA PRO A 59 2.96 -25.07 4.12
C PRO A 59 2.44 -23.73 3.61
N PHE A 60 2.44 -23.53 2.30
CA PHE A 60 2.00 -22.26 1.74
C PHE A 60 0.58 -21.91 2.17
N PHE A 61 0.36 -20.66 2.56
CA PHE A 61 -0.98 -20.21 2.92
C PHE A 61 -1.09 -18.71 2.72
N ILE A 62 -2.32 -18.23 2.57
CA ILE A 62 -2.52 -16.80 2.47
C ILE A 62 -3.16 -16.36 3.77
N PRO A 63 -2.47 -15.47 4.51
CA PRO A 63 -3.00 -15.07 5.83
C PRO A 63 -4.25 -14.22 5.73
N TYR A 64 -4.99 -14.09 6.83
CA TYR A 64 -6.11 -13.13 6.87
C TYR A 64 -5.58 -11.70 6.84
N ASP A 65 -6.49 -10.73 6.73
CA ASP A 65 -6.13 -9.30 6.63
C ASP A 65 -5.05 -9.03 5.59
N THR A 66 -5.17 -9.71 4.47
CA THR A 66 -4.24 -9.61 3.35
C THR A 66 -5.03 -9.34 2.07
N LYS A 67 -4.64 -8.28 1.35
CA LYS A 67 -5.24 -7.95 0.08
C LYS A 67 -4.84 -9.03 -0.90
N VAL A 68 -5.80 -9.47 -1.70
CA VAL A 68 -5.56 -10.56 -2.63
C VAL A 68 -5.70 -9.98 -4.02
N ASN A 69 -4.55 -9.62 -4.60
CA ASN A 69 -4.42 -8.46 -5.49
C ASN A 69 -4.39 -8.71 -6.98
N ASP A 70 -4.77 -9.90 -7.40
CA ASP A 70 -5.01 -10.12 -8.81
C ASP A 70 -6.45 -10.62 -8.94
N ILE A 71 -7.34 -9.89 -8.25
CA ILE A 71 -8.79 -10.14 -8.20
C ILE A 71 -9.33 -10.55 -9.56
N ASN A 72 -8.95 -9.78 -10.56
CA ASN A 72 -9.18 -10.08 -11.97
C ASN A 72 -8.77 -11.51 -12.37
N GLU A 73 -7.57 -11.89 -11.94
CA GLU A 73 -6.76 -13.02 -12.45
C GLU A 73 -5.91 -12.57 -13.64
N GLY A 84 -17.80 -11.99 -0.73
CA GLY A 84 -17.08 -12.24 0.50
C GLY A 84 -15.59 -12.50 0.35
N GLU A 85 -15.24 -13.76 0.10
CA GLU A 85 -13.85 -14.22 0.27
C GLU A 85 -13.18 -14.79 -0.99
N ALA A 86 -12.05 -14.22 -1.38
CA ALA A 86 -11.35 -14.64 -2.60
C ALA A 86 -10.33 -15.77 -2.40
N ILE A 87 -9.91 -15.99 -1.15
CA ILE A 87 -8.97 -17.06 -0.85
C ILE A 87 -9.68 -18.41 -0.89
N PRO A 88 -9.22 -19.31 -1.78
CA PRO A 88 -9.70 -20.70 -1.74
C PRO A 88 -9.44 -21.21 -0.33
N ALA A 89 -10.47 -21.71 0.35
CA ALA A 89 -10.36 -22.14 1.74
C ALA A 89 -9.26 -23.19 1.93
N GLU A 90 -8.88 -23.82 0.81
CA GLU A 90 -7.73 -24.73 0.77
C GLU A 90 -6.44 -24.03 1.20
N PHE A 91 -6.37 -22.72 1.02
CA PHE A 91 -5.11 -22.03 1.24
C PHE A 91 -5.05 -21.18 2.51
N ARG A 92 -5.93 -21.51 3.43
CA ARG A 92 -5.83 -20.94 4.76
C ARG A 92 -4.77 -21.71 5.55
N GLU A 93 -4.31 -21.11 6.64
CA GLU A 93 -3.17 -21.61 7.37
C GLU A 93 -3.36 -23.01 7.95
N LYS A 94 -2.42 -23.90 7.68
CA LYS A 94 -2.44 -25.22 8.32
C LYS A 94 -1.68 -25.11 9.63
N LEU A 95 -2.15 -25.83 10.65
CA LEU A 95 -1.54 -25.79 11.97
C LEU A 95 -1.04 -27.18 12.43
N ASP A 96 -0.11 -27.15 13.38
CA ASP A 96 0.45 -28.37 13.96
C ASP A 96 0.55 -28.13 15.48
N THR A 97 0.61 -29.19 16.28
CA THR A 97 0.61 -29.02 17.75
C THR A 97 1.67 -28.03 18.24
N ARG A 98 2.78 -27.94 17.52
CA ARG A 98 3.86 -27.04 17.90
C ARG A 98 4.03 -25.92 16.89
N SER A 99 2.91 -25.44 16.36
CA SER A 99 2.88 -24.31 15.43
C SER A 99 3.33 -23.03 16.10
N PHE A 100 2.79 -22.76 17.28
CA PHE A 100 3.06 -21.50 17.98
C PHE A 100 4.31 -21.52 18.87
N ALA A 109 5.12 -32.30 4.81
CA ALA A 109 4.46 -33.47 4.21
C ALA A 109 3.07 -33.12 3.72
N HIS A 110 2.98 -32.53 2.52
CA HIS A 110 1.70 -32.04 2.00
C HIS A 110 1.50 -32.26 0.50
N LEU A 111 0.33 -31.87 0.00
CA LEU A 111 0.08 -31.85 -1.44
C LEU A 111 1.02 -30.83 -2.08
N PRO A 112 1.37 -31.02 -3.36
CA PRO A 112 2.19 -30.02 -4.05
C PRO A 112 1.53 -28.63 -4.12
N GLU A 113 0.22 -28.55 -3.88
CA GLU A 113 -0.49 -27.26 -3.83
C GLU A 113 0.05 -26.38 -2.70
N PHE A 114 0.66 -27.00 -1.69
CA PHE A 114 1.07 -26.28 -0.49
C PHE A 114 2.58 -26.12 -0.33
N ASN A 115 3.36 -26.63 -1.29
CA ASN A 115 4.80 -26.34 -1.36
C ASN A 115 5.01 -24.88 -1.01
N GLY A 116 5.90 -24.59 -0.07
CA GLY A 116 6.10 -23.20 0.30
C GLY A 116 7.44 -22.87 0.92
N CYS A 117 7.85 -21.61 0.80
CA CYS A 117 9.07 -21.11 1.44
C CYS A 117 8.78 -19.74 2.06
N HIS A 118 9.17 -19.61 3.33
CA HIS A 118 9.10 -18.34 4.03
C HIS A 118 10.45 -17.66 3.89
N VAL A 119 10.49 -16.56 3.14
CA VAL A 119 11.73 -15.86 2.85
C VAL A 119 11.73 -14.54 3.64
N PHE A 120 12.72 -14.35 4.51
CA PHE A 120 12.67 -13.14 5.33
C PHE A 120 14.05 -12.66 5.80
N GLY A 121 14.18 -11.34 5.91
CA GLY A 121 15.41 -10.74 6.40
C GLY A 121 15.57 -9.33 5.88
N SER A 122 16.76 -8.77 6.07
CA SER A 122 17.05 -7.42 5.61
CA SER A 122 17.07 -7.41 5.64
C SER A 122 18.34 -7.42 4.80
N ILE A 123 18.29 -6.83 3.61
CA ILE A 123 19.45 -6.84 2.71
C ILE A 123 19.97 -5.43 2.46
N PRO A 124 21.24 -5.16 2.83
CA PRO A 124 21.83 -3.87 2.48
C PRO A 124 22.18 -3.81 1.00
N VAL A 125 21.65 -2.81 0.31
CA VAL A 125 21.98 -2.66 -1.11
C VAL A 125 22.47 -1.24 -1.35
N ASN A 126 23.19 -1.02 -2.44
CA ASN A 126 23.57 0.33 -2.80
C ASN A 126 22.28 1.08 -3.09
N ARG A 127 22.19 2.35 -2.68
CA ARG A 127 20.98 3.13 -2.89
C ARG A 127 21.02 3.72 -4.30
N VAL A 128 20.93 2.83 -5.29
CA VAL A 128 20.89 3.20 -6.70
C VAL A 128 19.84 2.33 -7.38
N SER A 129 19.49 2.64 -8.61
CA SER A 129 18.54 1.81 -9.35
C SER A 129 19.00 0.35 -9.38
N GLY A 130 18.15 -0.56 -8.94
CA GLY A 130 18.53 -1.96 -8.92
C GLY A 130 17.33 -2.87 -8.91
N GLU A 131 17.54 -4.15 -8.66
CA GLU A 131 16.45 -5.11 -8.72
C GLU A 131 16.74 -6.31 -7.81
N LEU A 132 15.73 -6.75 -7.07
CA LEU A 132 15.82 -7.97 -6.27
C LEU A 132 14.98 -9.04 -6.98
N GLN A 133 15.58 -10.21 -7.20
CA GLN A 133 14.96 -11.26 -8.02
C GLN A 133 14.81 -12.56 -7.23
N ILE A 134 13.59 -13.10 -7.21
CA ILE A 134 13.34 -14.45 -6.69
C ILE A 134 12.95 -15.37 -7.85
N THR A 135 13.82 -16.30 -8.22
CA THR A 135 13.56 -17.21 -9.34
C THR A 135 13.94 -18.66 -9.01
N ALA A 136 13.74 -19.56 -9.97
CA ALA A 136 14.15 -20.95 -9.79
C ALA A 136 15.66 -21.06 -9.98
N LYS A 137 16.30 -21.99 -9.25
CA LYS A 137 17.71 -22.29 -9.49
C LYS A 137 17.82 -22.88 -10.88
N SER A 138 18.84 -22.45 -11.62
CA SER A 138 18.97 -22.81 -13.03
C SER A 138 20.43 -22.81 -13.44
N ARG A 145 18.29 -29.40 -16.22
CA ARG A 145 19.26 -28.56 -15.51
C ARG A 145 18.57 -27.45 -14.71
N LYS A 146 17.25 -27.59 -14.57
CA LYS A 146 16.43 -26.57 -13.92
C LYS A 146 15.25 -27.22 -13.17
N ALA A 147 14.68 -26.50 -12.19
CA ALA A 147 13.54 -27.03 -11.42
C ALA A 147 12.42 -27.53 -12.31
N PRO A 148 11.90 -28.74 -12.01
CA PRO A 148 10.78 -29.28 -12.80
C PRO A 148 9.63 -28.28 -12.68
N LEU A 149 9.06 -27.87 -13.81
CA LEU A 149 8.03 -26.83 -13.80
C LEU A 149 6.92 -27.16 -12.80
N GLU A 150 6.57 -28.45 -12.72
CA GLU A 150 5.58 -28.98 -11.79
C GLU A 150 5.77 -28.43 -10.37
N GLU A 151 7.03 -28.31 -9.97
CA GLU A 151 7.41 -27.89 -8.63
C GLU A 151 7.35 -26.40 -8.42
N LEU A 152 7.39 -25.64 -9.52
CA LEU A 152 7.52 -24.20 -9.49
C LEU A 152 6.16 -23.51 -9.49
N LYS A 153 5.91 -22.69 -8.48
CA LYS A 153 4.69 -21.91 -8.42
C LYS A 153 5.02 -20.59 -7.78
N PHE A 154 4.78 -19.49 -8.49
CA PHE A 154 5.17 -18.18 -7.97
C PHE A 154 4.03 -17.37 -7.35
N ASN A 155 2.93 -18.06 -7.01
CA ASN A 155 1.97 -17.48 -6.07
C ASN A 155 2.75 -17.01 -4.85
N HIS A 156 2.38 -15.87 -4.29
CA HIS A 156 3.17 -15.38 -3.18
C HIS A 156 2.37 -14.46 -2.28
N VAL A 157 2.84 -14.31 -1.05
CA VAL A 157 2.26 -13.40 -0.08
C VAL A 157 3.36 -12.48 0.35
N ILE A 158 3.14 -11.18 0.27
CA ILE A 158 4.14 -10.26 0.76
C ILE A 158 3.66 -9.75 2.11
N ASN A 159 4.29 -10.20 3.19
CA ASN A 159 3.91 -9.70 4.52
C ASN A 159 4.57 -8.36 4.76
N GLU A 160 5.82 -8.24 4.33
CA GLU A 160 6.55 -6.97 4.38
C GLU A 160 7.45 -6.79 3.18
N PHE A 161 7.51 -5.55 2.68
CA PHE A 161 8.54 -5.15 1.73
C PHE A 161 8.75 -3.65 1.94
N SER A 162 9.88 -3.28 2.53
CA SER A 162 10.10 -1.89 2.93
C SER A 162 11.57 -1.54 2.72
N PHE A 163 11.86 -0.24 2.77
CA PHE A 163 13.20 0.30 2.58
C PHE A 163 13.58 1.11 3.80
N GLY A 164 14.71 0.77 4.40
CA GLY A 164 15.22 1.57 5.50
C GLY A 164 14.72 1.12 6.87
N ASP A 165 14.63 2.06 7.80
CA ASP A 165 14.19 1.74 9.16
C ASP A 165 12.66 1.77 9.28
N PHE A 166 12.09 0.80 9.97
CA PHE A 166 10.64 0.83 10.15
C PHE A 166 10.29 2.03 11.02
N TYR A 167 9.11 2.62 10.80
CA TYR A 167 8.73 3.79 11.61
C TYR A 167 7.23 3.73 11.83
N PRO A 168 6.72 4.45 12.84
CA PRO A 168 5.32 4.23 13.24
C PRO A 168 4.29 4.64 12.18
N TYR A 169 4.68 5.52 11.27
CA TYR A 169 3.75 6.06 10.28
C TYR A 169 3.78 5.29 8.97
N ILE A 170 4.62 4.26 8.92
CA ILE A 170 4.88 3.56 7.66
C ILE A 170 3.62 2.92 7.06
N ASP A 171 3.54 2.94 5.74
CA ASP A 171 2.41 2.34 5.06
C ASP A 171 2.93 1.94 3.71
N ASN A 172 3.44 0.71 3.59
CA ASN A 172 4.06 0.25 2.36
C ASN A 172 3.01 -0.38 1.45
N PRO A 173 3.00 0.01 0.16
CA PRO A 173 1.94 -0.52 -0.69
C PRO A 173 1.92 -2.06 -0.77
N LEU A 174 3.09 -2.70 -0.74
CA LEU A 174 3.10 -4.17 -0.92
C LEU A 174 2.87 -4.97 0.37
N ASP A 175 2.93 -4.31 1.54
CA ASP A 175 2.70 -5.04 2.80
C ASP A 175 1.33 -5.66 2.85
N ASN A 176 1.25 -6.89 3.35
CA ASN A 176 -0.03 -7.59 3.50
C ASN A 176 -0.81 -7.67 2.17
N THR A 177 -0.14 -8.09 1.12
CA THR A 177 -0.78 -8.32 -0.17
C THR A 177 -0.40 -9.70 -0.64
N ALA A 178 -1.15 -10.24 -1.60
CA ALA A 178 -0.85 -11.57 -2.14
C ALA A 178 -1.27 -11.61 -3.60
N GLN A 179 -0.56 -12.41 -4.39
CA GLN A 179 -0.99 -12.74 -5.75
C GLN A 179 -0.95 -14.25 -5.92
N PHE A 180 -2.01 -14.79 -6.49
CA PHE A 180 -2.04 -16.21 -6.80
C PHE A 180 -2.96 -16.48 -7.98
N ASN A 181 -2.67 -17.56 -8.68
CA ASN A 181 -3.45 -17.97 -9.84
C ASN A 181 -3.18 -19.44 -9.99
N GLN A 182 -4.14 -20.27 -9.60
CA GLN A 182 -3.94 -21.70 -9.60
C GLN A 182 -3.78 -22.24 -11.02
N ASP A 183 -4.24 -21.47 -11.99
CA ASP A 183 -4.14 -21.84 -13.40
C ASP A 183 -2.84 -21.32 -14.06
N GLU A 184 -2.19 -20.35 -13.45
CA GLU A 184 -0.94 -19.84 -13.99
C GLU A 184 0.17 -19.82 -12.94
N PRO A 185 0.68 -21.01 -12.55
CA PRO A 185 1.75 -21.10 -11.54
C PRO A 185 3.05 -20.43 -11.96
N LEU A 186 3.36 -20.43 -13.26
CA LEU A 186 4.64 -19.91 -13.74
C LEU A 186 4.58 -18.44 -14.17
N THR A 187 3.58 -17.74 -13.65
CA THR A 187 3.46 -16.31 -13.90
C THR A 187 4.65 -15.56 -13.31
N THR A 188 5.14 -14.58 -14.07
CA THR A 188 6.20 -13.69 -13.60
C THR A 188 5.57 -12.40 -13.09
N TYR A 189 5.91 -12.02 -11.86
CA TYR A 189 5.39 -10.80 -11.27
C TYR A 189 6.52 -9.79 -11.13
N VAL A 190 6.27 -8.56 -11.58
CA VAL A 190 7.29 -7.51 -11.48
C VAL A 190 6.69 -6.32 -10.78
N TYR A 191 7.34 -5.87 -9.71
CA TYR A 191 6.92 -4.66 -9.04
C TYR A 191 7.95 -3.55 -9.26
N TYR A 192 7.48 -2.40 -9.74
CA TYR A 192 8.35 -1.22 -9.90
C TYR A 192 8.10 -0.24 -8.79
N THR A 193 9.05 -0.15 -7.87
CA THR A 193 8.86 0.67 -6.68
C THR A 193 9.71 1.92 -6.76
N SER A 194 9.12 3.07 -6.44
CA SER A 194 9.86 4.33 -6.50
C SER A 194 9.93 4.87 -5.08
N VAL A 195 11.14 5.01 -4.57
CA VAL A 195 11.38 5.19 -3.15
C VAL A 195 11.72 6.65 -2.84
N VAL A 196 11.03 7.21 -1.84
CA VAL A 196 11.23 8.61 -1.46
C VAL A 196 11.73 8.64 -0.03
N PRO A 197 12.91 9.26 0.20
CA PRO A 197 13.39 9.38 1.57
C PRO A 197 12.62 10.47 2.29
N THR A 198 12.33 10.29 3.57
CA THR A 198 11.55 11.30 4.29
C THR A 198 12.24 11.73 5.58
N LEU A 199 12.05 12.98 5.96
CA LEU A 199 12.55 13.42 7.25
C LEU A 199 11.35 13.78 8.10
N PHE A 200 11.07 12.95 9.12
CA PHE A 200 10.03 13.29 10.08
C PHE A 200 10.72 13.96 11.25
N LYS A 201 10.50 15.25 11.42
CA LYS A 201 11.16 15.97 12.52
C LYS A 201 10.77 15.40 13.89
N LYS A 202 9.64 14.72 13.96
CA LYS A 202 9.20 14.05 15.20
C LYS A 202 10.03 12.79 15.51
N LEU A 203 10.79 12.33 14.52
CA LEU A 203 11.58 11.10 14.66
C LEU A 203 13.10 11.36 14.64
N GLY A 204 13.52 12.41 13.93
CA GLY A 204 14.93 12.72 13.80
C GLY A 204 15.46 12.38 12.41
N ALA A 205 16.60 12.97 12.05
CA ALA A 205 17.21 12.76 10.74
C ALA A 205 18.08 11.50 10.71
N GLU A 206 18.43 11.00 11.89
CA GLU A 206 19.27 9.80 11.99
C GLU A 206 18.55 8.53 11.60
N VAL A 207 17.21 8.54 11.63
N VAL A 207 17.21 8.56 11.61
CA VAL A 207 16.46 7.36 11.23
CA VAL A 207 16.43 7.40 11.21
C VAL A 207 16.27 7.35 9.72
C VAL A 207 16.29 7.37 9.70
N ASP A 208 16.57 6.21 9.09
CA ASP A 208 16.49 6.08 7.64
C ASP A 208 15.06 5.76 7.19
N THR A 209 14.19 6.77 7.19
CA THR A 209 12.78 6.59 6.83
C THR A 209 12.53 6.82 5.34
N ASN A 210 11.79 5.91 4.74
CA ASN A 210 11.46 5.99 3.31
C ASN A 210 10.06 5.51 3.10
N GLN A 211 9.40 6.05 2.07
CA GLN A 211 8.13 5.51 1.62
C GLN A 211 8.22 5.27 0.11
N TYR A 212 7.36 4.41 -0.41
CA TYR A 212 7.40 4.16 -1.84
C TYR A 212 6.03 4.05 -2.46
N SER A 213 5.99 4.31 -3.77
CA SER A 213 4.83 4.04 -4.59
C SER A 213 5.22 2.91 -5.51
N VAL A 214 4.26 2.34 -6.21
CA VAL A 214 4.54 1.13 -6.99
C VAL A 214 3.59 1.05 -8.16
N ASN A 215 4.08 0.49 -9.26
CA ASN A 215 3.20 0.04 -10.33
C ASN A 215 3.58 -1.42 -10.65
N ASP A 216 2.61 -2.21 -11.12
CA ASP A 216 2.73 -3.68 -11.12
C ASP A 216 2.60 -4.25 -12.50
N TYR A 217 3.41 -5.24 -12.83
CA TYR A 217 3.31 -5.95 -14.11
C TYR A 217 3.22 -7.46 -13.88
N ARG A 218 2.57 -8.17 -14.81
CA ARG A 218 2.51 -9.63 -14.76
C ARG A 218 2.77 -10.15 -16.16
N TYR A 219 3.49 -11.27 -16.28
CA TYR A 219 3.75 -11.87 -17.58
C TYR A 219 3.46 -13.36 -17.51
N LEU A 220 2.69 -13.88 -18.47
CA LEU A 220 2.41 -15.31 -18.54
C LEU A 220 3.68 -16.04 -18.94
N TYR A 221 3.83 -17.29 -18.51
CA TYR A 221 5.05 -18.05 -18.82
C TYR A 221 5.34 -18.16 -20.31
N LYS A 222 4.30 -18.33 -21.11
CA LYS A 222 4.47 -18.50 -22.56
C LYS A 222 5.16 -17.31 -23.22
N ASP A 223 4.95 -16.12 -22.66
CA ASP A 223 5.55 -14.91 -23.20
C ASP A 223 7.01 -14.77 -22.74
N VAL A 224 7.23 -15.04 -21.46
CA VAL A 224 8.58 -15.06 -20.87
C VAL A 224 9.49 -16.13 -21.51
N ALA A 225 8.93 -17.31 -21.76
CA ALA A 225 9.65 -18.38 -22.46
C ALA A 225 10.15 -17.92 -23.83
N ASP A 229 13.11 -11.34 -20.08
CA ASP A 229 13.62 -12.18 -19.00
C ASP A 229 13.28 -13.65 -19.27
N LYS A 230 14.30 -14.50 -19.33
CA LYS A 230 14.13 -15.88 -19.78
C LYS A 230 13.67 -16.86 -18.69
N MET A 231 13.98 -16.55 -17.44
CA MET A 231 13.46 -17.34 -16.31
C MET A 231 12.41 -16.57 -15.51
N PRO A 232 11.29 -17.26 -15.16
CA PRO A 232 10.16 -16.61 -14.48
C PRO A 232 10.39 -16.39 -12.99
N GLY A 233 9.53 -15.65 -12.33
CA GLY A 233 9.69 -15.44 -10.91
C GLY A 233 9.03 -14.19 -10.38
N ILE A 234 9.59 -13.67 -9.31
CA ILE A 234 9.01 -12.51 -8.65
C ILE A 234 10.13 -11.48 -8.57
N PHE A 235 9.88 -10.31 -9.15
CA PHE A 235 10.93 -9.29 -9.30
C PHE A 235 10.53 -7.96 -8.68
N PHE A 236 11.42 -7.39 -7.86
CA PHE A 236 11.17 -6.09 -7.28
C PHE A 236 12.19 -5.11 -7.87
N LYS A 237 11.73 -4.23 -8.76
CA LYS A 237 12.62 -3.22 -9.30
C LYS A 237 12.50 -2.00 -8.41
N TYR A 238 13.63 -1.35 -8.14
CA TYR A 238 13.56 -0.17 -7.28
C TYR A 238 14.43 0.96 -7.81
N ASN A 239 13.94 2.18 -7.63
CA ASN A 239 14.76 3.36 -7.89
C ASN A 239 14.48 4.38 -6.80
N PHE A 240 15.39 5.33 -6.63
CA PHE A 240 15.31 6.26 -5.51
C PHE A 240 15.17 7.68 -6.04
N GLU A 241 14.11 8.35 -5.63
CA GLU A 241 13.82 9.69 -6.13
C GLU A 241 14.82 10.69 -5.58
N PRO A 242 15.19 11.70 -6.41
CA PRO A 242 16.16 12.72 -6.04
C PRO A 242 15.55 13.84 -5.21
N LEU A 243 14.43 13.58 -4.54
CA LEU A 243 13.85 14.57 -3.64
C LEU A 243 13.59 13.91 -2.28
N SER A 244 13.23 14.73 -1.30
CA SER A 244 12.84 14.24 0.03
C SER A 244 11.54 14.91 0.42
N ILE A 245 10.80 14.26 1.30
CA ILE A 245 9.64 14.91 1.89
C ILE A 245 9.97 15.24 3.34
N VAL A 246 9.89 16.52 3.70
CA VAL A 246 10.14 16.91 5.07
C VAL A 246 8.81 17.05 5.81
N VAL A 247 8.72 16.41 6.96
CA VAL A 247 7.49 16.47 7.74
C VAL A 247 7.77 17.27 9.00
N SER A 248 7.17 18.45 9.10
CA SER A 248 7.30 19.31 10.27
C SER A 248 5.99 19.36 11.05
N ILE B 6 11.14 -2.97 -20.22
CA ILE B 6 10.50 -1.86 -19.52
C ILE B 6 11.51 -0.98 -18.76
N ASP B 7 11.62 0.26 -19.23
CA ASP B 7 12.47 1.25 -18.57
C ASP B 7 11.58 2.32 -17.92
N GLN B 8 11.86 2.65 -16.66
CA GLN B 8 11.14 3.71 -15.97
C GLN B 8 12.16 4.77 -15.54
N GLN B 9 11.90 6.01 -15.94
CA GLN B 9 12.87 7.11 -15.85
C GLN B 9 12.25 8.32 -15.16
N TYR B 10 12.97 8.93 -14.21
CA TYR B 10 12.53 10.16 -13.58
C TYR B 10 12.74 11.34 -14.53
N VAL B 11 11.70 12.15 -14.70
CA VAL B 11 11.75 13.37 -15.53
C VAL B 11 11.03 14.49 -14.76
N VAL B 12 11.50 15.74 -14.89
CA VAL B 12 10.77 16.83 -14.25
C VAL B 12 9.34 16.90 -14.79
N ASP B 13 8.39 17.25 -13.91
CA ASP B 13 6.97 17.24 -14.27
C ASP B 13 6.64 18.24 -15.38
N SER B 14 5.90 17.81 -16.39
CA SER B 14 5.63 18.63 -17.59
C SER B 14 4.62 19.76 -17.37
N GLN B 15 3.95 19.74 -16.22
CA GLN B 15 2.93 20.74 -15.85
C GLN B 15 1.94 21.08 -16.97
N VAL B 16 1.06 20.15 -17.30
CA VAL B 16 -0.03 20.42 -18.23
C VAL B 16 -1.34 20.30 -17.45
N ARG B 17 -1.42 19.25 -16.64
CA ARG B 17 -2.62 18.95 -15.87
C ARG B 17 -2.77 19.91 -14.69
N ASP B 18 -3.92 20.56 -14.61
CA ASP B 18 -4.20 21.53 -13.54
C ASP B 18 -5.26 20.99 -12.58
N THR B 19 -5.99 19.97 -13.01
CA THR B 19 -6.91 19.27 -12.13
C THR B 19 -6.64 17.79 -12.18
N VAL B 20 -7.13 17.08 -11.18
CA VAL B 20 -7.05 15.62 -11.15
C VAL B 20 -8.29 15.10 -10.44
N GLN B 21 -8.80 13.95 -10.87
CA GLN B 21 -9.92 13.33 -10.17
C GLN B 21 -9.40 12.51 -8.99
N ILE B 22 -9.90 12.80 -7.80
CA ILE B 22 -9.68 11.91 -6.66
C ILE B 22 -10.85 10.93 -6.61
N ASN B 23 -10.53 9.64 -6.67
CA ASN B 23 -11.55 8.60 -6.71
C ASN B 23 -11.60 7.92 -5.37
N MET B 24 -12.78 7.80 -4.78
CA MET B 24 -12.84 7.19 -3.46
C MET B 24 -14.06 6.32 -3.26
N ASP B 25 -13.90 5.30 -2.43
CA ASP B 25 -15.00 4.44 -2.03
C ASP B 25 -14.65 3.99 -0.62
N ILE B 26 -15.42 4.45 0.35
CA ILE B 26 -15.05 4.28 1.74
C ILE B 26 -16.27 3.85 2.54
N TYR B 27 -16.09 3.02 3.55
CA TYR B 27 -17.17 2.77 4.51
C TYR B 27 -16.74 3.45 5.82
N VAL B 28 -17.64 4.20 6.44
CA VAL B 28 -17.35 4.87 7.72
C VAL B 28 -18.37 4.37 8.75
N ASN B 29 -17.90 4.08 9.97
CA ASN B 29 -18.72 3.49 11.03
C ASN B 29 -19.62 4.56 11.69
N THR B 30 -20.07 5.53 10.90
CA THR B 30 -21.02 6.55 11.36
C THR B 30 -22.13 6.71 10.34
N LYS B 31 -23.35 6.97 10.79
CA LYS B 31 -24.48 7.19 9.87
C LYS B 31 -24.23 8.41 9.00
N CYS B 32 -24.71 8.38 7.75
CA CYS B 32 -24.43 9.43 6.77
C CYS B 32 -24.90 10.82 7.23
N ASP B 33 -26.07 10.87 7.87
CA ASP B 33 -26.62 12.15 8.32
C ASP B 33 -25.78 12.90 9.36
N TRP B 34 -24.83 12.20 10.00
CA TRP B 34 -23.93 12.87 10.95
C TRP B 34 -22.62 13.33 10.32
N LEU B 35 -22.43 13.07 9.02
CA LEU B 35 -21.12 13.28 8.38
C LEU B 35 -21.16 14.45 7.41
N GLN B 36 -20.02 15.12 7.24
CA GLN B 36 -19.88 16.09 6.15
C GLN B 36 -18.52 15.95 5.49
N ILE B 37 -18.44 16.30 4.21
CA ILE B 37 -17.21 16.15 3.43
C ILE B 37 -16.76 17.53 3.00
N ASN B 38 -15.48 17.85 3.25
CA ASN B 38 -14.91 19.13 2.86
C ASN B 38 -13.61 18.96 2.05
N VAL B 39 -13.38 19.87 1.11
CA VAL B 39 -12.10 19.95 0.42
CA VAL B 39 -12.11 19.94 0.40
C VAL B 39 -11.52 21.34 0.63
N ARG B 40 -10.20 21.42 0.74
CA ARG B 40 -9.54 22.71 0.76
C ARG B 40 -8.22 22.55 0.04
N ASP B 41 -7.67 23.63 -0.49
CA ASP B 41 -6.32 23.53 -1.00
C ASP B 41 -5.60 24.84 -0.68
N GLN B 42 -4.33 24.93 -1.02
CA GLN B 42 -3.53 26.10 -0.64
C GLN B 42 -4.09 27.42 -1.22
N THR B 43 -5.05 27.31 -2.13
CA THR B 43 -5.56 28.47 -2.87
C THR B 43 -7.07 28.66 -2.71
N MET B 44 -7.66 28.12 -1.65
CA MET B 44 -9.11 28.10 -1.53
C MET B 44 -9.55 27.68 -0.12
N ASP B 45 -10.34 28.52 0.53
CA ASP B 45 -10.87 28.22 1.86
C ASP B 45 -11.59 26.87 1.87
N ARG B 46 -11.69 26.26 3.04
CA ARG B 46 -12.39 24.99 3.20
C ARG B 46 -13.76 25.05 2.51
N LYS B 47 -14.16 23.96 1.89
CA LYS B 47 -15.29 23.98 0.97
C LYS B 47 -16.09 22.68 0.97
N LEU B 48 -17.41 22.81 1.15
CA LEU B 48 -18.29 21.65 1.32
C LEU B 48 -18.52 20.86 0.03
N VAL B 49 -18.41 19.54 0.12
CA VAL B 49 -18.62 18.66 -1.02
C VAL B 49 -19.95 17.92 -0.90
N LEU B 50 -20.82 18.11 -1.90
CA LEU B 50 -22.19 17.63 -1.83
C LEU B 50 -22.52 16.77 -3.06
N GLU B 51 -22.02 17.20 -4.20
CA GLU B 51 -22.52 16.74 -5.49
C GLU B 51 -21.73 15.56 -6.02
N GLU B 52 -20.41 15.65 -5.89
CA GLU B 52 -19.52 14.67 -6.49
C GLU B 52 -19.56 13.32 -5.76
N LEU B 53 -20.07 13.33 -4.53
CA LEU B 53 -20.06 12.12 -3.72
C LEU B 53 -21.44 11.63 -3.30
N GLN B 54 -21.64 10.32 -3.43
CA GLN B 54 -22.82 9.68 -2.89
C GLN B 54 -22.51 9.33 -1.44
N LEU B 55 -23.49 9.55 -0.56
CA LEU B 55 -23.43 9.04 0.81
C LEU B 55 -24.61 8.10 1.00
N GLU B 56 -24.36 6.81 1.12
CA GLU B 56 -25.45 5.85 1.28
C GLU B 56 -25.36 5.13 2.61
N GLU B 57 -26.52 5.02 3.28
CA GLU B 57 -26.60 4.37 4.57
C GLU B 57 -26.27 2.90 4.38
N MET B 58 -25.60 2.32 5.36
CA MET B 58 -25.21 0.92 5.27
C MET B 58 -24.97 0.35 6.63
N PRO B 59 -25.08 -0.98 6.75
CA PRO B 59 -24.57 -1.58 7.97
C PRO B 59 -23.05 -1.65 7.87
N PHE B 60 -22.33 -1.08 8.85
CA PHE B 60 -20.88 -1.09 8.79
C PHE B 60 -20.27 -2.50 8.91
N PHE B 61 -19.33 -2.81 8.02
CA PHE B 61 -18.62 -4.08 8.08
C PHE B 61 -17.26 -3.90 7.38
N ILE B 62 -16.34 -4.79 7.69
CA ILE B 62 -15.04 -4.78 7.02
C ILE B 62 -15.01 -6.01 6.14
N PRO B 63 -14.90 -5.80 4.81
CA PRO B 63 -14.87 -6.93 3.87
C PRO B 63 -13.64 -7.80 4.06
N TYR B 64 -13.72 -9.06 3.63
CA TYR B 64 -12.55 -9.93 3.60
C TYR B 64 -11.52 -9.41 2.62
N ASP B 65 -10.31 -9.97 2.67
CA ASP B 65 -9.22 -9.54 1.77
C ASP B 65 -8.93 -8.06 1.89
N THR B 66 -9.07 -7.55 3.11
CA THR B 66 -8.80 -6.14 3.40
C THR B 66 -7.67 -6.06 4.42
N LYS B 67 -6.63 -5.30 4.14
CA LYS B 67 -5.55 -5.26 5.12
C LYS B 67 -5.80 -4.22 6.20
N VAL B 68 -5.20 -4.44 7.37
CA VAL B 68 -5.43 -3.55 8.51
C VAL B 68 -4.22 -2.64 8.78
N ASN B 69 -4.41 -1.33 8.64
CA ASN B 69 -3.29 -0.39 8.79
C ASN B 69 -2.95 0.04 10.22
N ASP B 70 -3.75 -0.35 11.20
CA ASP B 70 -3.39 0.03 12.58
C ASP B 70 -3.24 -1.12 13.57
N ILE B 71 -2.51 -2.16 13.16
CA ILE B 71 -2.24 -3.32 14.04
C ILE B 71 -1.80 -2.91 15.47
N ASN B 72 -1.35 -1.66 15.62
CA ASN B 72 -1.09 -1.06 16.93
C ASN B 72 -2.33 -0.70 17.76
N GLU B 73 -3.07 -1.74 18.16
CA GLU B 73 -4.03 -1.69 19.27
C GLU B 73 -4.50 -3.10 19.56
N ILE B 74 -4.45 -3.47 20.84
CA ILE B 74 -4.83 -4.78 21.37
C ILE B 74 -5.91 -5.52 20.57
N ASP B 80 -6.95 -12.21 21.27
CA ASP B 80 -6.71 -13.61 20.93
C ASP B 80 -6.53 -13.81 19.43
N GLU B 81 -5.40 -14.41 19.05
CA GLU B 81 -5.04 -14.51 17.63
C GLU B 81 -4.41 -15.84 17.19
N ILE B 82 -5.06 -16.96 17.55
CA ILE B 82 -4.76 -18.25 16.92
C ILE B 82 -5.28 -18.20 15.49
N LEU B 83 -6.36 -17.44 15.33
CA LEU B 83 -7.06 -17.25 14.06
C LEU B 83 -6.22 -16.51 13.01
N GLY B 84 -5.24 -15.73 13.44
CA GLY B 84 -4.46 -14.90 12.54
C GLY B 84 -5.33 -13.79 11.94
N GLU B 85 -6.31 -13.36 12.73
CA GLU B 85 -7.29 -12.39 12.26
C GLU B 85 -7.40 -11.25 13.28
N ALA B 86 -7.26 -10.01 12.80
CA ALA B 86 -7.26 -8.83 13.67
C ALA B 86 -8.64 -8.21 13.81
N ILE B 87 -9.51 -8.50 12.84
CA ILE B 87 -10.83 -7.88 12.81
C ILE B 87 -11.83 -8.64 13.68
N PRO B 88 -12.43 -7.95 14.67
CA PRO B 88 -13.44 -8.57 15.54
C PRO B 88 -14.60 -9.08 14.68
N ALA B 89 -15.18 -10.23 15.02
CA ALA B 89 -16.30 -10.77 14.25
C ALA B 89 -17.52 -9.85 14.24
N GLU B 90 -17.51 -8.85 15.12
CA GLU B 90 -18.57 -7.86 15.16
C GLU B 90 -18.44 -6.87 14.01
N PHE B 91 -17.22 -6.73 13.48
CA PHE B 91 -17.01 -5.94 12.26
C PHE B 91 -17.06 -6.84 11.01
N ARG B 92 -17.12 -8.15 11.22
CA ARG B 92 -17.01 -9.07 10.10
C ARG B 92 -18.31 -9.15 9.29
N GLU B 93 -18.19 -9.65 8.07
CA GLU B 93 -19.23 -9.51 7.06
C GLU B 93 -20.62 -10.03 7.47
N PRO B 112 -26.04 0.59 17.40
CA PRO B 112 -24.85 1.45 17.44
C PRO B 112 -23.65 0.90 16.66
N GLU B 113 -23.34 -0.38 16.77
CA GLU B 113 -22.07 -0.90 16.22
C GLU B 113 -22.04 -0.99 14.69
N PHE B 114 -23.20 -0.98 14.06
CA PHE B 114 -23.24 -1.14 12.61
C PHE B 114 -23.64 0.11 11.86
N ASN B 115 -23.92 1.20 12.61
CA ASN B 115 -24.05 2.53 12.02
C ASN B 115 -22.99 2.72 10.95
N GLY B 116 -23.41 2.98 9.71
CA GLY B 116 -22.44 3.03 8.63
C GLY B 116 -22.88 3.92 7.49
N CYS B 117 -21.89 4.44 6.78
CA CYS B 117 -22.13 5.26 5.59
C CYS B 117 -21.14 4.87 4.49
N HIS B 118 -21.66 4.55 3.31
CA HIS B 118 -20.85 4.29 2.12
C HIS B 118 -20.64 5.64 1.43
N VAL B 119 -19.41 6.10 1.40
CA VAL B 119 -19.08 7.39 0.77
C VAL B 119 -18.30 7.10 -0.51
N PHE B 120 -18.86 7.51 -1.65
CA PHE B 120 -18.22 7.15 -2.92
C PHE B 120 -18.47 8.13 -4.07
N GLY B 121 -17.44 8.25 -4.91
CA GLY B 121 -17.56 9.06 -6.12
C GLY B 121 -16.19 9.55 -6.55
N SER B 122 -16.19 10.51 -7.46
CA SER B 122 -14.94 11.08 -7.98
CA SER B 122 -14.95 11.09 -7.98
C SER B 122 -15.00 12.61 -7.86
N ILE B 123 -13.94 13.19 -7.32
CA ILE B 123 -13.91 14.63 -7.07
C ILE B 123 -12.79 15.31 -7.84
N PRO B 124 -13.15 16.24 -8.74
CA PRO B 124 -12.14 17.08 -9.40
C PRO B 124 -11.49 18.08 -8.42
N VAL B 125 -10.17 18.01 -8.25
CA VAL B 125 -9.46 18.97 -7.40
C VAL B 125 -8.29 19.60 -8.17
N ASN B 126 -7.84 20.77 -7.73
CA ASN B 126 -6.63 21.36 -8.31
C ASN B 126 -5.39 20.51 -7.99
N ARG B 127 -4.47 20.37 -8.95
CA ARG B 127 -3.21 19.67 -8.70
C ARG B 127 -2.25 20.50 -7.85
N VAL B 128 -2.71 20.90 -6.66
CA VAL B 128 -1.87 21.61 -5.70
C VAL B 128 -2.08 20.94 -4.35
N SER B 129 -1.21 21.26 -3.39
CA SER B 129 -1.35 20.76 -2.03
C SER B 129 -2.78 21.00 -1.50
N GLY B 130 -3.45 19.93 -1.09
CA GLY B 130 -4.83 20.06 -0.64
C GLY B 130 -5.22 18.97 0.34
N GLU B 131 -6.49 18.98 0.76
CA GLU B 131 -6.93 18.03 1.76
C GLU B 131 -8.40 17.68 1.56
N LEU B 132 -8.73 16.40 1.67
CA LEU B 132 -10.14 15.99 1.65
C LEU B 132 -10.48 15.51 3.06
N GLN B 133 -11.58 16.04 3.60
CA GLN B 133 -11.95 15.76 4.99
C GLN B 133 -13.31 15.11 5.17
N ILE B 134 -13.33 13.99 5.88
CA ILE B 134 -14.59 13.39 6.29
C ILE B 134 -14.76 13.60 7.81
N THR B 135 -15.70 14.45 8.21
CA THR B 135 -15.88 14.77 9.64
C THR B 135 -17.35 14.76 10.04
N ALA B 136 -17.60 14.99 11.31
CA ALA B 136 -18.98 15.12 11.80
C ALA B 136 -19.60 16.42 11.30
N LYS B 137 -20.91 16.39 11.06
CA LYS B 137 -21.65 17.62 10.81
C LYS B 137 -21.49 18.57 11.97
N SER B 138 -21.31 19.85 11.66
CA SER B 138 -21.08 20.87 12.66
C SER B 138 -21.68 22.16 12.13
N LEU B 139 -22.72 22.66 12.80
CA LEU B 139 -23.32 23.92 12.40
C LEU B 139 -22.79 25.06 13.25
N GLY B 140 -21.77 24.75 14.06
CA GLY B 140 -21.23 25.71 15.00
C GLY B 140 -20.04 25.21 15.82
N TYR B 141 -19.74 25.95 16.87
CA TYR B 141 -18.43 25.89 17.53
C TYR B 141 -18.49 25.36 18.95
N VAL B 142 -19.68 24.95 19.40
CA VAL B 142 -19.86 24.32 20.70
C VAL B 142 -20.54 22.95 20.53
N ALA B 143 -20.64 22.20 21.63
CA ALA B 143 -21.13 20.81 21.56
C ALA B 143 -22.56 20.71 21.01
N SER B 144 -23.41 21.63 21.44
CA SER B 144 -24.82 21.66 21.05
C SER B 144 -25.04 22.10 19.59
N ARG B 145 -23.96 22.33 18.86
CA ARG B 145 -24.08 22.70 17.45
C ARG B 145 -23.26 21.75 16.61
N LYS B 146 -22.93 20.60 17.20
CA LYS B 146 -22.15 19.57 16.52
C LYS B 146 -22.76 18.20 16.82
N ALA B 147 -22.49 17.24 15.95
CA ALA B 147 -22.91 15.86 16.18
C ALA B 147 -22.52 15.44 17.59
N PRO B 148 -23.46 14.83 18.32
CA PRO B 148 -23.12 14.28 19.64
C PRO B 148 -21.98 13.27 19.50
N LEU B 149 -21.02 13.29 20.42
CA LEU B 149 -19.83 12.44 20.32
C LEU B 149 -20.17 10.96 20.35
N GLU B 150 -21.21 10.59 21.11
CA GLU B 150 -21.64 9.19 21.19
C GLU B 150 -22.06 8.60 19.85
N GLU B 151 -22.37 9.46 18.89
CA GLU B 151 -22.82 8.99 17.58
C GLU B 151 -21.66 8.75 16.62
N LEU B 152 -20.46 9.19 16.98
CA LEU B 152 -19.37 9.18 16.02
C LEU B 152 -18.38 8.02 16.24
N LYS B 153 -18.14 7.26 15.18
CA LYS B 153 -17.06 6.27 15.19
CA LYS B 153 -17.07 6.26 15.17
C LYS B 153 -16.35 6.36 13.84
N PHE B 154 -15.04 6.63 13.86
CA PHE B 154 -14.32 6.81 12.61
C PHE B 154 -13.50 5.61 12.17
N ASN B 155 -13.84 4.44 12.71
CA ASN B 155 -13.46 3.19 12.07
C ASN B 155 -13.87 3.26 10.63
N HIS B 156 -13.02 2.79 9.72
CA HIS B 156 -13.34 2.95 8.30
C HIS B 156 -12.69 1.89 7.45
N VAL B 157 -13.27 1.67 6.27
CA VAL B 157 -12.71 0.81 5.22
C VAL B 157 -12.47 1.68 3.99
N ILE B 158 -11.27 1.60 3.41
CA ILE B 158 -11.02 2.28 2.13
C ILE B 158 -11.04 1.21 1.04
N ASN B 159 -12.10 1.19 0.22
CA ASN B 159 -12.13 0.20 -0.85
C ASN B 159 -11.33 0.72 -2.02
N GLU B 160 -11.43 2.02 -2.24
CA GLU B 160 -10.68 2.67 -3.31
C GLU B 160 -10.28 4.06 -2.88
N PHE B 161 -9.03 4.42 -3.15
CA PHE B 161 -8.61 5.81 -3.07
C PHE B 161 -7.51 5.99 -4.10
N SER B 162 -7.77 6.77 -5.14
CA SER B 162 -6.80 6.91 -6.23
C SER B 162 -6.86 8.29 -6.89
N PHE B 163 -5.86 8.56 -7.72
CA PHE B 163 -5.80 9.85 -8.42
C PHE B 163 -5.79 9.62 -9.92
N GLY B 164 -6.77 10.19 -10.60
CA GLY B 164 -6.82 10.14 -12.06
C GLY B 164 -7.45 8.86 -12.62
N ASP B 165 -7.00 8.47 -13.82
CA ASP B 165 -7.64 7.38 -14.55
C ASP B 165 -7.13 6.01 -14.11
N PHE B 166 -7.96 4.99 -14.31
CA PHE B 166 -7.52 3.59 -14.19
C PHE B 166 -6.46 3.27 -15.25
N TYR B 167 -5.50 2.42 -14.88
CA TYR B 167 -4.54 1.86 -15.83
C TYR B 167 -4.16 0.45 -15.34
N PRO B 168 -3.77 -0.44 -16.26
CA PRO B 168 -3.66 -1.85 -15.86
C PRO B 168 -2.59 -2.13 -14.79
N TYR B 169 -1.63 -1.21 -14.64
CA TYR B 169 -0.49 -1.44 -13.75
C TYR B 169 -0.69 -0.78 -12.37
N ILE B 170 -1.89 -0.28 -12.13
CA ILE B 170 -2.16 0.53 -10.94
C ILE B 170 -2.11 -0.33 -9.68
N ASP B 171 -1.58 0.26 -8.60
CA ASP B 171 -1.49 -0.42 -7.32
C ASP B 171 -1.49 0.66 -6.25
N ASN B 172 -2.67 1.03 -5.77
CA ASN B 172 -2.81 2.12 -4.78
C ASN B 172 -2.69 1.60 -3.36
N PRO B 173 -1.77 2.19 -2.57
CA PRO B 173 -1.53 1.62 -1.23
C PRO B 173 -2.78 1.59 -0.35
N LEU B 174 -3.68 2.55 -0.48
CA LEU B 174 -4.86 2.57 0.40
C LEU B 174 -6.04 1.70 -0.08
N ASP B 175 -6.00 1.20 -1.32
CA ASP B 175 -7.08 0.33 -1.81
C ASP B 175 -7.19 -0.92 -0.95
N ASN B 176 -8.41 -1.26 -0.52
CA ASN B 176 -8.68 -2.43 0.33
C ASN B 176 -7.89 -2.45 1.64
N THR B 177 -7.99 -1.35 2.37
CA THR B 177 -7.38 -1.24 3.68
C THR B 177 -8.45 -0.78 4.66
N ALA B 178 -8.16 -0.92 5.94
CA ALA B 178 -9.11 -0.49 6.98
C ALA B 178 -8.34 -0.10 8.22
N GLN B 179 -8.94 0.78 9.01
CA GLN B 179 -8.40 1.05 10.35
C GLN B 179 -9.57 1.13 11.30
N PHE B 180 -9.38 0.65 12.50
CA PHE B 180 -10.43 0.73 13.51
C PHE B 180 -9.81 0.68 14.88
N ASN B 181 -10.63 1.01 15.87
CA ASN B 181 -10.23 0.88 17.25
C ASN B 181 -11.51 0.90 18.05
N GLN B 182 -11.91 -0.27 18.57
CA GLN B 182 -13.13 -0.36 19.36
C GLN B 182 -13.02 0.47 20.63
N ASP B 183 -11.80 0.63 21.12
CA ASP B 183 -11.57 1.37 22.37
C ASP B 183 -11.49 2.88 22.16
N GLU B 184 -11.23 3.32 20.94
CA GLU B 184 -11.16 4.75 20.66
C GLU B 184 -11.94 5.10 19.39
N PRO B 185 -13.28 5.20 19.52
CA PRO B 185 -14.13 5.55 18.38
C PRO B 185 -13.83 6.94 17.82
N LEU B 186 -13.37 7.85 18.68
CA LEU B 186 -13.20 9.25 18.27
C LEU B 186 -11.82 9.58 17.69
N THR B 187 -11.01 8.55 17.45
CA THR B 187 -9.69 8.71 16.85
CA THR B 187 -9.70 8.77 16.85
C THR B 187 -9.77 9.41 15.48
N THR B 188 -8.82 10.31 15.22
CA THR B 188 -8.72 10.98 13.93
C THR B 188 -7.61 10.32 13.13
N TYR B 189 -7.90 9.99 11.88
CA TYR B 189 -6.96 9.28 11.04
C TYR B 189 -6.53 10.24 9.94
N VAL B 190 -5.23 10.37 9.74
CA VAL B 190 -4.75 11.28 8.70
C VAL B 190 -3.85 10.49 7.76
N TYR B 191 -4.17 10.51 6.47
CA TYR B 191 -3.31 9.93 5.45
C TYR B 191 -2.62 11.04 4.68
N TYR B 192 -1.29 11.01 4.66
CA TYR B 192 -0.53 11.97 3.85
C TYR B 192 -0.05 11.28 2.60
N THR B 193 -0.63 11.64 1.46
CA THR B 193 -0.30 11.00 0.19
C THR B 193 0.61 11.92 -0.61
N SER B 194 1.54 11.33 -1.35
CA SER B 194 2.43 12.08 -2.23
C SER B 194 2.26 11.48 -3.60
N VAL B 195 1.79 12.29 -4.54
CA VAL B 195 1.32 11.77 -5.81
C VAL B 195 2.33 11.99 -6.92
N VAL B 196 2.66 10.93 -7.64
CA VAL B 196 3.61 11.01 -8.73
C VAL B 196 2.86 10.85 -10.05
N PRO B 197 2.91 11.89 -10.91
CA PRO B 197 2.34 11.72 -12.25
C PRO B 197 3.22 10.77 -13.05
N THR B 198 2.60 9.92 -13.85
CA THR B 198 3.37 8.95 -14.61
CA THR B 198 3.36 8.93 -14.60
C THR B 198 2.95 8.99 -16.08
N LEU B 199 3.83 8.53 -16.95
CA LEU B 199 3.55 8.55 -18.36
C LEU B 199 3.93 7.20 -18.94
N PHE B 200 2.93 6.38 -19.23
CA PHE B 200 3.17 5.09 -19.85
C PHE B 200 3.10 5.33 -21.35
N LYS B 201 4.24 5.31 -22.00
CA LYS B 201 4.29 5.68 -23.41
C LYS B 201 3.39 4.84 -24.33
N LYS B 202 3.08 3.61 -23.96
CA LYS B 202 2.20 2.81 -24.80
C LYS B 202 0.73 3.25 -24.70
N LEU B 203 0.39 3.95 -23.61
CA LEU B 203 -0.99 4.38 -23.41
C LEU B 203 -1.32 5.72 -24.06
N GLY B 204 -2.61 5.94 -24.35
CA GLY B 204 -3.06 7.18 -24.97
C GLY B 204 -2.68 8.42 -24.20
N ALA B 205 -2.36 9.48 -24.94
CA ALA B 205 -1.91 10.75 -24.36
C ALA B 205 -2.88 11.28 -23.30
N GLU B 206 -4.17 11.11 -23.56
CA GLU B 206 -5.22 11.65 -22.72
C GLU B 206 -5.41 10.92 -21.39
N VAL B 207 -4.63 9.85 -21.17
CA VAL B 207 -4.81 9.05 -19.94
C VAL B 207 -4.03 9.66 -18.77
N ASP B 208 -4.75 10.00 -17.70
CA ASP B 208 -4.13 10.71 -16.58
C ASP B 208 -3.77 9.68 -15.51
N THR B 209 -2.57 9.13 -15.64
CA THR B 209 -2.09 8.08 -14.73
C THR B 209 -1.21 8.67 -13.64
N ASN B 210 -1.41 8.18 -12.42
CA ASN B 210 -0.65 8.62 -11.25
C ASN B 210 -0.45 7.46 -10.30
N GLN B 211 0.61 7.50 -9.52
CA GLN B 211 0.76 6.54 -8.43
C GLN B 211 1.13 7.34 -7.20
N TYR B 212 0.82 6.83 -6.00
CA TYR B 212 1.14 7.60 -4.81
C TYR B 212 1.74 6.75 -3.71
N SER B 213 2.49 7.41 -2.84
CA SER B 213 2.98 6.83 -1.60
C SER B 213 2.22 7.50 -0.48
N VAL B 214 2.31 6.93 0.72
CA VAL B 214 1.49 7.42 1.81
C VAL B 214 2.14 7.18 3.17
N ASN B 215 1.94 8.13 4.09
CA ASN B 215 2.19 7.80 5.48
CA ASN B 215 2.23 7.96 5.53
C ASN B 215 0.94 8.07 6.30
N ASP B 216 0.80 7.31 7.39
CA ASP B 216 -0.41 7.30 8.21
C ASP B 216 -0.16 7.95 9.56
N TYR B 217 -1.05 8.84 9.98
N TYR B 217 -1.08 8.83 9.95
CA TYR B 217 -0.98 9.36 11.33
CA TYR B 217 -1.07 9.43 11.27
C TYR B 217 -2.34 9.21 12.01
C TYR B 217 -2.38 9.14 12.01
N ARG B 218 -2.33 9.24 13.34
CA ARG B 218 -3.50 8.93 14.15
C ARG B 218 -3.49 9.90 15.34
N TYR B 219 -4.60 10.59 15.61
CA TYR B 219 -4.68 11.50 16.78
C TYR B 219 -5.84 11.11 17.66
N LEU B 220 -5.59 11.01 18.97
CA LEU B 220 -6.65 10.73 19.93
C LEU B 220 -7.54 11.97 20.09
N TYR B 221 -8.79 11.76 20.50
CA TYR B 221 -9.74 12.87 20.58
C TYR B 221 -9.27 14.00 21.50
N LYS B 222 -8.61 13.67 22.60
CA LYS B 222 -8.18 14.68 23.57
C LYS B 222 -7.19 15.69 22.98
N ASP B 223 -6.40 15.24 22.00
CA ASP B 223 -5.38 16.08 21.36
C ASP B 223 -5.94 16.91 20.19
N VAL B 224 -7.14 16.54 19.75
CA VAL B 224 -7.83 17.26 18.67
C VAL B 224 -8.68 18.40 19.23
N MET B 231 -14.54 18.38 14.25
CA MET B 231 -13.08 18.48 14.19
C MET B 231 -12.38 17.12 14.03
N PRO B 232 -12.83 16.07 14.75
CA PRO B 232 -12.27 14.73 14.46
C PRO B 232 -12.84 14.12 13.20
N GLY B 233 -12.13 13.15 12.62
CA GLY B 233 -12.60 12.48 11.43
C GLY B 233 -11.50 11.76 10.66
N ILE B 234 -11.68 11.67 9.35
CA ILE B 234 -10.74 10.98 8.47
C ILE B 234 -10.31 11.97 7.42
N PHE B 235 -9.01 12.19 7.36
CA PHE B 235 -8.47 13.26 6.51
C PHE B 235 -7.47 12.69 5.51
N PHE B 236 -7.61 13.08 4.25
CA PHE B 236 -6.67 12.67 3.21
C PHE B 236 -5.97 13.91 2.71
N LYS B 237 -4.73 14.10 3.14
CA LYS B 237 -3.93 15.20 2.63
C LYS B 237 -3.14 14.70 1.42
N TYR B 238 -3.02 15.53 0.40
CA TYR B 238 -2.25 15.14 -0.78
C TYR B 238 -1.36 16.28 -1.27
N ASN B 239 -0.24 15.91 -1.88
CA ASN B 239 0.57 16.85 -2.61
C ASN B 239 1.08 16.15 -3.85
N PHE B 240 1.50 16.92 -4.83
CA PHE B 240 1.88 16.35 -6.12
C PHE B 240 3.35 16.63 -6.34
N GLU B 241 4.12 15.58 -6.59
CA GLU B 241 5.57 15.75 -6.73
C GLU B 241 5.94 16.50 -7.99
N PRO B 242 7.05 17.26 -7.94
CA PRO B 242 7.57 17.99 -9.10
C PRO B 242 8.31 17.09 -10.09
N LEU B 243 8.27 15.77 -9.89
CA LEU B 243 8.85 14.86 -10.88
C LEU B 243 7.83 13.85 -11.35
N SER B 244 8.11 13.26 -12.51
CA SER B 244 7.24 12.23 -13.07
C SER B 244 8.09 11.00 -13.37
N ILE B 245 7.41 9.91 -13.66
CA ILE B 245 8.08 8.69 -14.07
C ILE B 245 7.58 8.40 -15.47
N VAL B 246 8.52 8.33 -16.41
CA VAL B 246 8.17 8.05 -17.79
C VAL B 246 8.53 6.59 -18.04
N VAL B 247 7.55 5.81 -18.48
CA VAL B 247 7.71 4.36 -18.64
C VAL B 247 7.70 4.01 -20.12
N SER B 248 8.83 3.46 -20.57
CA SER B 248 9.01 3.09 -21.98
C SER B 248 9.07 1.58 -22.12
N ASP B 249 8.47 1.06 -23.19
CA ASP B 249 8.48 -0.38 -23.45
C ASP B 249 9.65 -0.78 -24.37
N VAL B 250 10.63 0.10 -24.52
CA VAL B 250 11.70 -0.08 -25.50
C VAL B 250 12.95 0.77 -25.21
#